data_5E4T
#
_entry.id   5E4T
#
_cell.length_a   111.114
_cell.length_b   111.114
_cell.length_c   137.090
_cell.angle_alpha   90.00
_cell.angle_beta   90.00
_cell.angle_gamma   120.00
#
_symmetry.space_group_name_H-M   'P 31 2 1'
#
loop_
_entity.id
_entity.type
_entity.pdbx_description
1 polymer Acetylcholinesterase
2 branched alpha-L-fucopyranose-(1-6)-2-acetamido-2-deoxy-beta-D-glucopyranose
3 branched alpha-D-mannopyranose-(1-3)-beta-D-mannopyranose-(1-4)-2-acetamido-2-deoxy-beta-D-glucopyranose-(1-4)-2-acetamido-2-deoxy-beta-D-glucopyranose
4 branched alpha-D-mannopyranose-(1-2)-alpha-D-mannopyranose-(1-3)-beta-D-mannopyranose-(1-4)-2-acetamido-2-deoxy-beta-D-glucopyranose-(1-4)-2-acetamido-2-deoxy-beta-D-glucopyranose
5 non-polymer 3,7-BIS(DIMETHYLAMINO)PHENOTHIAZIN-5-IUM
6 non-polymer DI(HYDROXYETHYL)ETHER
7 non-polymer 'TRIETHYLENE GLYCOL'
8 non-polymer 1,2-ETHANEDIOL
9 water water
#
_entity_poly.entity_id   1
_entity_poly.type   'polypeptide(L)'
_entity_poly.pdbx_seq_one_letter_code
;DDHSELLVNTKSGKVMGTRVPVLSSHISAFLGIPFAEPPVGNMRFRRPEPKKPWSGVWNASTYPNNCQQYVDEQFPGFSG
SEMWNPNREMSEDCLYLNIWVPSPRPKSTTVMVWIYGGGFYSGSSTLDVYNGKYLAYTEEVVLVSLSYRVGAFGFLALHG
SQEAPGNVGLLDQRMALQWVHDNIQFFGGDPKTVTIFGESAGGASVGMHILSPGSRDLFRRAILQSGSPNCPWASVSVAE
GRRRAVELGRNLNCNLNSDEELIHCLREKKPQELIDVEWNVLPFDSIFRFSFVPVIDGEFFPTSLESMLNSGNFKKTQIL
LGVNKDEGSFFLLYGAPGFSKDSESKISREDFMSGVKLSVPHANDLGLDAVTLQYTDWMDDNNGIKNRDGLDDIVGDHNV
ICPLMHFVNKYTKFGNGTYLYFFNHRASNLVWPEWMGVIHGYEIEFVFGLPLVKELNYTAEEEALSRRIMHYWATFAKTG
NPNEPHSQESKWPLFTTKEQKFIDLNTEPMKVHQRLRVQMCVFWNQFLPKLLNATACDGELSS
;
_entity_poly.pdbx_strand_id   A
#
# COMPACT_ATOMS: atom_id res chain seq x y z
N SER A 4 -34.94 9.75 -1.80
CA SER A 4 -33.78 10.67 -1.91
C SER A 4 -32.51 9.91 -2.31
N GLU A 5 -31.70 10.59 -3.12
CA GLU A 5 -30.46 10.07 -3.65
C GLU A 5 -29.39 9.91 -2.57
N LEU A 6 -29.52 10.64 -1.47
CA LEU A 6 -28.56 10.56 -0.36
C LEU A 6 -28.96 9.53 0.70
N LEU A 7 -30.06 8.82 0.49
CA LEU A 7 -30.53 7.84 1.44
C LEU A 7 -30.45 6.43 0.83
N VAL A 8 -29.71 5.55 1.49
CA VAL A 8 -29.54 4.17 1.02
C VAL A 8 -29.78 3.19 2.15
N ASN A 9 -30.65 2.20 1.92
CA ASN A 9 -30.86 1.13 2.89
C ASN A 9 -29.91 -0.02 2.60
N THR A 10 -29.07 -0.36 3.57
CA THR A 10 -28.18 -1.50 3.46
C THR A 10 -28.66 -2.64 4.36
N LYS A 11 -27.97 -3.77 4.28
CA LYS A 11 -28.24 -4.91 5.14
C LYS A 11 -27.90 -4.64 6.62
N SER A 12 -27.06 -3.64 6.88
CA SER A 12 -26.74 -3.21 8.24
C SER A 12 -27.62 -2.06 8.75
N GLY A 13 -28.42 -1.46 7.87
CA GLY A 13 -29.28 -0.31 8.23
C GLY A 13 -29.17 0.83 7.22
N LYS A 14 -30.00 1.86 7.42
CA LYS A 14 -30.02 3.03 6.54
C LYS A 14 -28.83 3.96 6.79
N VAL A 15 -28.25 4.48 5.72
CA VAL A 15 -27.22 5.51 5.80
C VAL A 15 -27.67 6.74 5.04
N MET A 16 -27.32 7.93 5.54
CA MET A 16 -27.56 9.17 4.83
C MET A 16 -26.24 9.84 4.49
N GLY A 17 -26.03 10.05 3.19
CA GLY A 17 -24.81 10.67 2.70
C GLY A 17 -24.93 12.17 2.56
N THR A 18 -24.03 12.74 1.76
CA THR A 18 -23.98 14.17 1.56
C THR A 18 -23.58 14.45 0.11
N ARG A 19 -24.12 15.54 -0.43
CA ARG A 19 -23.78 15.97 -1.78
C ARG A 19 -22.47 16.75 -1.71
N VAL A 20 -21.49 16.36 -2.52
CA VAL A 20 -20.21 17.05 -2.56
C VAL A 20 -19.93 17.63 -3.94
N PRO A 21 -19.41 18.87 -4.00
CA PRO A 21 -19.06 19.46 -5.30
C PRO A 21 -17.78 18.85 -5.86
N VAL A 22 -17.66 18.84 -7.18
CA VAL A 22 -16.51 18.24 -7.84
C VAL A 22 -16.44 18.72 -9.29
N LEU A 23 -15.40 19.51 -9.60
CA LEU A 23 -15.17 20.05 -10.94
C LEU A 23 -16.44 20.66 -11.55
N SER A 24 -17.07 21.56 -10.79
CA SER A 24 -18.25 22.31 -11.23
C SER A 24 -19.55 21.49 -11.37
N SER A 25 -19.54 20.27 -10.83
CA SER A 25 -20.73 19.43 -10.77
C SER A 25 -20.84 18.87 -9.35
N HIS A 26 -21.63 17.82 -9.17
CA HIS A 26 -21.77 17.22 -7.85
C HIS A 26 -21.90 15.70 -7.94
N ILE A 27 -21.54 15.03 -6.85
CA ILE A 27 -21.81 13.61 -6.69
C ILE A 27 -22.18 13.35 -5.23
N SER A 28 -22.51 12.11 -4.91
CA SER A 28 -22.89 11.75 -3.56
C SER A 28 -21.69 11.16 -2.85
N ALA A 29 -21.64 11.34 -1.54
CA ALA A 29 -20.60 10.74 -0.72
C ALA A 29 -21.22 10.19 0.56
N PHE A 30 -20.81 8.97 0.90
CA PHE A 30 -21.25 8.30 2.11
C PHE A 30 -20.00 8.02 2.91
N LEU A 31 -19.73 8.90 3.87
CA LEU A 31 -18.47 8.92 4.59
C LEU A 31 -18.65 8.36 5.99
N GLY A 32 -17.69 7.55 6.44
CA GLY A 32 -17.68 7.04 7.82
C GLY A 32 -18.74 6.00 8.10
N ILE A 33 -18.91 5.04 7.19
CA ILE A 33 -19.84 3.93 7.40
C ILE A 33 -19.10 2.81 8.15
N PRO A 34 -19.66 2.35 9.27
CA PRO A 34 -18.98 1.30 10.04
C PRO A 34 -19.16 -0.07 9.40
N PHE A 35 -18.09 -0.84 9.28
CA PHE A 35 -18.17 -2.22 8.77
C PHE A 35 -17.81 -3.26 9.83
N ALA A 36 -17.48 -2.82 11.03
CA ALA A 36 -17.12 -3.72 12.13
C ALA A 36 -17.46 -3.06 13.45
N GLU A 37 -17.49 -3.86 14.52
CA GLU A 37 -17.59 -3.32 15.88
C GLU A 37 -16.27 -2.62 16.21
N PRO A 38 -16.33 -1.49 16.95
CA PRO A 38 -15.10 -0.88 17.45
C PRO A 38 -14.22 -1.91 18.18
N PRO A 39 -12.96 -2.06 17.73
CA PRO A 39 -12.06 -3.04 18.35
C PRO A 39 -11.34 -2.50 19.60
N VAL A 40 -12.11 -2.19 20.64
CA VAL A 40 -11.60 -1.50 21.82
C VAL A 40 -11.69 -2.39 23.05
N GLY A 41 -10.93 -2.05 24.09
CA GLY A 41 -10.94 -2.78 25.36
C GLY A 41 -10.39 -4.18 25.18
N ASN A 42 -11.15 -5.16 25.64
CA ASN A 42 -10.79 -6.58 25.47
C ASN A 42 -10.74 -7.01 24.00
N MET A 43 -11.25 -6.20 23.08
CA MET A 43 -11.17 -6.49 21.65
C MET A 43 -9.89 -5.98 20.97
N ARG A 44 -9.03 -5.25 21.69
CA ARG A 44 -7.76 -4.82 21.11
C ARG A 44 -6.92 -6.06 20.78
N PHE A 45 -6.32 -6.05 19.59
CA PHE A 45 -5.57 -7.18 19.04
C PHE A 45 -6.42 -8.36 18.52
N ARG A 46 -7.73 -8.37 18.82
CA ARG A 46 -8.59 -9.46 18.36
C ARG A 46 -9.00 -9.31 16.89
N ARG A 47 -9.41 -10.43 16.29
CA ARG A 47 -10.05 -10.42 14.99
C ARG A 47 -11.29 -9.53 15.05
N PRO A 48 -11.60 -8.81 13.96
CA PRO A 48 -12.75 -7.93 13.99
C PRO A 48 -14.08 -8.69 14.01
N GLU A 49 -15.09 -8.10 14.64
CA GLU A 49 -16.45 -8.63 14.64
C GLU A 49 -17.27 -7.79 13.66
N PRO A 50 -18.25 -8.41 12.99
CA PRO A 50 -19.12 -7.63 12.11
C PRO A 50 -19.94 -6.61 12.90
N LYS A 51 -20.18 -5.45 12.29
CA LYS A 51 -20.93 -4.37 12.94
C LYS A 51 -22.36 -4.82 13.16
N LYS A 52 -22.87 -4.57 14.36
CA LYS A 52 -24.25 -4.90 14.68
C LYS A 52 -25.17 -3.95 13.91
N PRO A 53 -26.21 -4.49 13.25
CA PRO A 53 -27.12 -3.59 12.53
C PRO A 53 -27.80 -2.57 13.44
N TRP A 54 -28.07 -1.40 12.87
CA TRP A 54 -28.65 -0.30 13.62
C TRP A 54 -30.01 0.05 13.04
N SER A 55 -30.92 0.49 13.90
CA SER A 55 -32.17 1.10 13.44
C SER A 55 -31.93 2.60 13.28
N GLY A 56 -32.85 3.27 12.62
CA GLY A 56 -32.68 4.68 12.32
C GLY A 56 -31.68 4.90 11.20
N VAL A 57 -31.20 6.14 11.09
CA VAL A 57 -30.39 6.57 9.95
C VAL A 57 -28.98 6.95 10.41
N TRP A 58 -27.98 6.24 9.90
CA TRP A 58 -26.59 6.55 10.20
C TRP A 58 -26.17 7.80 9.45
N ASN A 59 -25.71 8.80 10.18
CA ASN A 59 -25.19 10.03 9.59
C ASN A 59 -23.82 9.76 8.96
N ALA A 60 -23.79 9.72 7.63
CA ALA A 60 -22.56 9.47 6.89
C ALA A 60 -22.15 10.70 6.10
N SER A 61 -22.19 11.86 6.75
CA SER A 61 -21.92 13.13 6.11
C SER A 61 -20.48 13.60 6.32
N THR A 62 -19.75 12.98 7.25
CA THR A 62 -18.40 13.42 7.59
C THR A 62 -17.44 12.24 7.67
N TYR A 63 -16.15 12.53 7.47
CA TYR A 63 -15.11 11.51 7.56
C TYR A 63 -14.99 10.93 8.97
N PRO A 64 -14.58 9.66 9.08
CA PRO A 64 -14.45 9.02 10.39
C PRO A 64 -13.11 9.36 11.05
N ASN A 65 -12.91 8.86 12.27
CA ASN A 65 -11.60 8.94 12.92
C ASN A 65 -10.59 8.11 12.12
N ASN A 66 -9.31 8.48 12.25
CA ASN A 66 -8.23 7.66 11.71
C ASN A 66 -7.76 6.70 12.78
N CYS A 67 -7.19 5.57 12.37
CA CYS A 67 -6.69 4.60 13.35
C CYS A 67 -5.46 5.14 14.07
N GLN A 68 -5.27 4.67 15.30
CA GLN A 68 -4.14 5.10 16.13
C GLN A 68 -2.83 4.73 15.44
N GLN A 69 -1.91 5.68 15.36
CA GLN A 69 -0.66 5.46 14.63
C GLN A 69 0.43 6.44 15.00
N TYR A 70 1.66 6.05 14.69
CA TYR A 70 2.80 6.95 14.76
C TYR A 70 2.57 8.10 13.79
N VAL A 71 2.87 9.31 14.24
CA VAL A 71 2.68 10.52 13.47
C VAL A 71 4.06 11.07 13.15
N ASP A 72 4.35 11.21 11.85
CA ASP A 72 5.63 11.74 11.41
C ASP A 72 5.73 13.22 11.76
N GLU A 73 6.73 13.56 12.58
CA GLU A 73 7.02 14.95 12.91
C GLU A 73 8.46 15.30 12.57
N GLN A 74 9.02 14.60 11.59
CA GLN A 74 10.40 14.84 11.16
C GLN A 74 10.54 16.23 10.50
N PHE A 75 9.49 16.70 9.81
CA PHE A 75 9.48 18.03 9.19
C PHE A 75 8.19 18.79 9.53
N PRO A 76 8.09 19.33 10.75
CA PRO A 76 6.88 20.03 11.18
C PRO A 76 6.54 21.22 10.28
N GLY A 77 5.27 21.34 9.91
CA GLY A 77 4.81 22.38 9.00
C GLY A 77 4.99 22.09 7.52
N PHE A 78 5.74 21.05 7.18
CA PHE A 78 6.12 20.78 5.79
C PHE A 78 5.06 19.91 5.15
N SER A 79 4.45 20.41 4.09
CA SER A 79 3.32 19.73 3.45
C SER A 79 3.71 18.37 2.88
N GLY A 80 4.96 18.24 2.40
CA GLY A 80 5.43 16.99 1.81
C GLY A 80 5.28 15.78 2.72
N SER A 81 5.50 16.00 4.02
CA SER A 81 5.39 14.94 5.03
C SER A 81 4.01 14.90 5.69
N GLU A 82 3.45 16.06 6.02
CA GLU A 82 2.19 16.13 6.78
C GLU A 82 0.95 15.77 5.97
N MET A 83 1.08 15.90 4.66
CA MET A 83 0.11 15.40 3.68
C MET A 83 -0.20 13.90 3.88
N TRP A 84 0.72 13.15 4.47
CA TRP A 84 0.52 11.73 4.75
C TRP A 84 0.04 11.41 6.18
N ASN A 85 0.14 12.38 7.08
CA ASN A 85 -0.28 12.19 8.47
C ASN A 85 -1.81 12.15 8.61
N PRO A 86 -2.30 11.59 9.72
CA PRO A 86 -3.74 11.65 10.03
C PRO A 86 -4.27 13.07 10.02
N ASN A 87 -5.38 13.28 9.33
CA ASN A 87 -6.06 14.60 9.29
C ASN A 87 -7.35 14.62 10.09
N ARG A 88 -7.68 13.50 10.74
CA ARG A 88 -8.79 13.43 11.69
C ARG A 88 -8.23 13.07 13.05
N GLU A 89 -9.07 13.15 14.07
CA GLU A 89 -8.71 12.68 15.40
C GLU A 89 -8.40 11.19 15.30
N MET A 90 -7.35 10.74 16.00
CA MET A 90 -7.01 9.33 16.02
C MET A 90 -7.83 8.63 17.09
N SER A 91 -8.25 7.40 16.79
CA SER A 91 -9.05 6.60 17.72
C SER A 91 -8.91 5.13 17.39
N GLU A 92 -9.04 4.28 18.42
CA GLU A 92 -9.12 2.83 18.19
C GLU A 92 -10.43 2.48 17.53
N ASP A 93 -11.45 3.30 17.76
CA ASP A 93 -12.73 3.22 17.06
C ASP A 93 -12.54 3.83 15.67
N CYS A 94 -12.05 3.03 14.74
CA CYS A 94 -11.66 3.52 13.42
C CYS A 94 -12.02 2.64 12.23
N LEU A 95 -12.82 1.59 12.43
CA LEU A 95 -13.13 0.68 11.34
C LEU A 95 -14.35 1.17 10.55
N TYR A 96 -14.07 2.06 9.59
CA TYR A 96 -15.09 2.68 8.76
C TYR A 96 -14.65 2.68 7.30
N LEU A 97 -15.63 2.79 6.41
CA LEU A 97 -15.34 2.92 4.99
C LEU A 97 -16.09 4.11 4.38
N ASN A 98 -15.59 4.58 3.25
CA ASN A 98 -16.13 5.76 2.57
C ASN A 98 -16.53 5.39 1.16
N ILE A 99 -17.66 5.92 0.69
CA ILE A 99 -18.16 5.60 -0.66
C ILE A 99 -18.51 6.88 -1.44
N TRP A 100 -17.93 7.00 -2.64
CA TRP A 100 -18.29 8.07 -3.56
C TRP A 100 -19.11 7.48 -4.70
N VAL A 101 -20.28 8.06 -4.94
CA VAL A 101 -21.25 7.51 -5.88
C VAL A 101 -21.66 8.56 -6.91
N PRO A 102 -21.50 8.25 -8.22
CA PRO A 102 -21.95 9.18 -9.26
C PRO A 102 -23.41 9.60 -9.12
N SER A 103 -23.74 10.76 -9.68
CA SER A 103 -25.10 11.28 -9.65
C SER A 103 -25.53 11.61 -11.09
N PRO A 104 -26.68 11.11 -11.54
CA PRO A 104 -27.58 10.24 -10.75
C PRO A 104 -26.99 8.88 -10.41
N ARG A 105 -27.53 8.23 -9.38
CA ARG A 105 -27.02 6.95 -8.89
C ARG A 105 -27.01 5.91 -10.00
N PRO A 106 -25.87 5.23 -10.21
CA PRO A 106 -25.85 4.15 -11.20
C PRO A 106 -26.69 2.95 -10.73
N LYS A 107 -26.95 2.03 -11.65
CA LYS A 107 -27.70 0.83 -11.32
C LYS A 107 -26.76 -0.30 -10.93
N SER A 108 -25.72 -0.53 -11.74
CA SER A 108 -24.80 -1.62 -11.51
C SER A 108 -23.51 -1.34 -12.28
N THR A 109 -22.62 -0.57 -11.66
CA THR A 109 -21.40 -0.12 -12.33
C THR A 109 -20.14 -0.61 -11.64
N THR A 110 -19.00 -0.40 -12.31
CA THR A 110 -17.69 -0.81 -11.82
C THR A 110 -17.37 -0.22 -10.44
N VAL A 111 -16.88 -1.08 -9.55
CA VAL A 111 -16.53 -0.70 -8.19
C VAL A 111 -15.02 -0.79 -8.03
N MET A 112 -14.43 0.22 -7.39
CA MET A 112 -13.01 0.21 -7.06
C MET A 112 -12.87 0.47 -5.56
N VAL A 113 -12.09 -0.37 -4.88
CA VAL A 113 -11.91 -0.27 -3.44
C VAL A 113 -10.44 0.03 -3.14
N TRP A 114 -10.21 1.19 -2.54
CA TRP A 114 -8.86 1.66 -2.23
C TRP A 114 -8.37 1.18 -0.86
N ILE A 115 -7.16 0.65 -0.83
CA ILE A 115 -6.50 0.23 0.42
C ILE A 115 -5.23 1.06 0.62
N TYR A 116 -5.25 1.93 1.63
CA TYR A 116 -4.11 2.82 1.88
C TYR A 116 -2.85 2.09 2.33
N GLY A 117 -1.70 2.68 2.00
CA GLY A 117 -0.40 2.21 2.47
C GLY A 117 0.05 2.95 3.72
N GLY A 118 1.35 2.91 3.99
CA GLY A 118 1.92 3.42 5.23
C GLY A 118 2.70 2.39 6.05
N GLY A 119 3.30 1.40 5.37
CA GLY A 119 4.19 0.41 6.00
C GLY A 119 3.56 -0.48 7.06
N PHE A 120 2.23 -0.59 7.02
CA PHE A 120 1.44 -1.27 8.05
C PHE A 120 1.53 -0.63 9.45
N TYR A 121 2.25 0.49 9.57
CA TYR A 121 2.34 1.21 10.83
C TYR A 121 1.55 2.53 10.83
N SER A 122 1.04 2.91 9.66
CA SER A 122 0.37 4.19 9.50
C SER A 122 -0.59 4.15 8.32
N GLY A 123 -1.32 5.23 8.12
CA GLY A 123 -2.21 5.37 6.98
C GLY A 123 -3.61 5.81 7.40
N SER A 124 -4.27 6.50 6.49
CA SER A 124 -5.62 7.01 6.71
C SER A 124 -6.40 6.97 5.41
N SER A 125 -7.69 6.65 5.50
CA SER A 125 -8.58 6.66 4.35
C SER A 125 -8.95 8.09 3.94
N THR A 126 -8.67 9.07 4.80
CA THR A 126 -9.24 10.40 4.71
C THR A 126 -8.28 11.47 4.17
N LEU A 127 -7.10 11.06 3.71
CA LEU A 127 -6.12 12.02 3.18
C LEU A 127 -6.67 12.77 1.97
N ASP A 128 -6.34 14.04 1.84
CA ASP A 128 -6.71 14.83 0.65
C ASP A 128 -6.39 14.07 -0.64
N VAL A 129 -5.22 13.46 -0.68
CA VAL A 129 -4.75 12.76 -1.87
C VAL A 129 -5.53 11.47 -2.19
N TYR A 130 -6.38 11.02 -1.26
CA TYR A 130 -7.24 9.85 -1.49
C TYR A 130 -8.71 10.22 -1.71
N ASN A 131 -9.00 11.50 -1.91
CA ASN A 131 -10.37 11.94 -2.16
C ASN A 131 -10.89 11.30 -3.45
N GLY A 132 -11.87 10.40 -3.31
CA GLY A 132 -12.34 9.59 -4.43
C GLY A 132 -13.31 10.26 -5.39
N LYS A 133 -13.67 11.51 -5.11
CA LYS A 133 -14.71 12.18 -5.90
C LYS A 133 -14.32 12.40 -7.35
N TYR A 134 -13.06 12.74 -7.60
CA TYR A 134 -12.59 13.05 -8.95
C TYR A 134 -12.61 11.80 -9.82
N LEU A 135 -12.21 10.67 -9.23
CA LEU A 135 -12.17 9.40 -9.94
C LEU A 135 -13.58 8.87 -10.18
N ALA A 136 -14.41 8.90 -9.15
CA ALA A 136 -15.80 8.48 -9.25
C ALA A 136 -16.56 9.29 -10.30
N TYR A 137 -16.40 10.61 -10.25
CA TYR A 137 -17.08 11.52 -11.16
C TYR A 137 -16.60 11.34 -12.60
N THR A 138 -15.28 11.36 -12.80
CA THR A 138 -14.71 11.34 -14.15
C THR A 138 -14.88 10.00 -14.86
N GLU A 139 -14.71 8.90 -14.14
CA GLU A 139 -14.80 7.57 -14.76
C GLU A 139 -16.12 6.84 -14.50
N GLU A 140 -17.07 7.51 -13.82
CA GLU A 140 -18.38 6.93 -13.54
CA GLU A 140 -18.38 6.93 -13.53
C GLU A 140 -18.24 5.58 -12.82
N VAL A 141 -17.44 5.55 -11.76
CA VAL A 141 -17.27 4.37 -10.93
C VAL A 141 -17.69 4.69 -9.49
N VAL A 142 -18.11 3.64 -8.78
CA VAL A 142 -18.35 3.73 -7.35
C VAL A 142 -17.01 3.47 -6.68
N LEU A 143 -16.50 4.48 -5.99
CA LEU A 143 -15.19 4.42 -5.36
C LEU A 143 -15.34 4.23 -3.86
N VAL A 144 -14.76 3.15 -3.33
CA VAL A 144 -14.77 2.89 -1.90
C VAL A 144 -13.35 3.06 -1.37
N SER A 145 -13.21 3.66 -0.19
CA SER A 145 -11.97 3.53 0.56
C SER A 145 -12.28 2.92 1.91
N LEU A 146 -11.49 1.94 2.29
CA LEU A 146 -11.66 1.24 3.56
C LEU A 146 -10.59 1.69 4.55
N SER A 147 -10.68 1.20 5.79
CA SER A 147 -9.63 1.41 6.76
C SER A 147 -9.30 0.08 7.40
N TYR A 148 -8.20 0.06 8.13
CA TYR A 148 -7.78 -1.12 8.86
C TYR A 148 -6.77 -0.72 9.91
N ARG A 149 -6.74 -1.48 10.99
CA ARG A 149 -5.82 -1.22 12.09
C ARG A 149 -4.37 -1.39 11.65
N VAL A 150 -3.51 -0.49 12.12
CA VAL A 150 -2.09 -0.50 11.82
C VAL A 150 -1.29 -0.61 13.11
N GLY A 151 0.02 -0.83 12.98
CA GLY A 151 0.89 -0.94 14.14
C GLY A 151 0.61 -2.18 14.94
N ALA A 152 0.94 -2.14 16.22
CA ALA A 152 0.63 -3.24 17.14
C ALA A 152 -0.86 -3.56 17.13
N PHE A 153 -1.69 -2.54 16.96
CA PHE A 153 -3.14 -2.68 17.03
C PHE A 153 -3.66 -3.60 15.94
N GLY A 154 -3.03 -3.55 14.77
CA GLY A 154 -3.44 -4.37 13.64
C GLY A 154 -2.62 -5.63 13.44
N PHE A 155 -1.39 -5.67 13.96
CA PHE A 155 -0.47 -6.74 13.60
C PHE A 155 0.39 -7.36 14.70
N LEU A 156 0.17 -7.00 15.96
CA LEU A 156 0.82 -7.70 17.05
C LEU A 156 0.44 -9.17 16.90
N ALA A 157 1.44 -10.05 16.92
CA ALA A 157 1.23 -11.45 16.60
C ALA A 157 1.85 -12.39 17.63
N LEU A 158 1.00 -13.05 18.41
CA LEU A 158 1.41 -14.12 19.31
C LEU A 158 0.75 -15.41 18.84
N HIS A 159 1.33 -16.01 17.81
CA HIS A 159 0.74 -17.19 17.17
C HIS A 159 0.49 -18.31 18.17
N GLY A 160 -0.68 -18.93 18.07
CA GLY A 160 -1.14 -19.91 19.05
C GLY A 160 -2.23 -19.34 19.95
N SER A 161 -2.22 -18.02 20.11
CA SER A 161 -3.21 -17.32 20.92
C SER A 161 -4.36 -16.86 20.04
N GLN A 162 -5.58 -16.93 20.58
CA GLN A 162 -6.75 -16.41 19.87
C GLN A 162 -7.05 -14.95 20.23
N GLU A 163 -6.37 -14.43 21.26
CA GLU A 163 -6.54 -13.03 21.68
C GLU A 163 -5.71 -12.05 20.85
N ALA A 164 -4.55 -12.51 20.36
CA ALA A 164 -3.70 -11.70 19.50
C ALA A 164 -2.99 -12.60 18.48
N PRO A 165 -3.75 -13.17 17.52
CA PRO A 165 -3.22 -14.12 16.56
C PRO A 165 -2.34 -13.51 15.48
N GLY A 166 -2.45 -12.20 15.28
CA GLY A 166 -1.75 -11.52 14.20
C GLY A 166 -2.67 -11.34 13.01
N ASN A 167 -2.23 -10.54 12.04
CA ASN A 167 -2.95 -10.34 10.79
C ASN A 167 -4.34 -9.70 10.89
N VAL A 168 -4.71 -9.16 12.05
CA VAL A 168 -6.10 -8.70 12.24
C VAL A 168 -6.41 -7.46 11.40
N GLY A 169 -5.39 -6.68 11.08
CA GLY A 169 -5.53 -5.56 10.15
C GLY A 169 -5.90 -6.03 8.74
N LEU A 170 -5.36 -7.17 8.33
CA LEU A 170 -5.75 -7.76 7.05
C LEU A 170 -7.19 -8.27 7.12
N LEU A 171 -7.57 -8.78 8.29
CA LEU A 171 -8.94 -9.22 8.52
C LEU A 171 -9.92 -8.04 8.55
N ASP A 172 -9.48 -6.88 9.06
CA ASP A 172 -10.25 -5.65 8.92
C ASP A 172 -10.53 -5.37 7.44
N GLN A 173 -9.49 -5.44 6.63
CA GLN A 173 -9.64 -5.15 5.21
C GLN A 173 -10.64 -6.11 4.61
N ARG A 174 -10.49 -7.40 4.91
CA ARG A 174 -11.38 -8.43 4.39
C ARG A 174 -12.84 -8.22 4.77
N MET A 175 -13.07 -7.73 5.98
CA MET A 175 -14.43 -7.48 6.44
C MET A 175 -15.06 -6.31 5.70
N ALA A 176 -14.28 -5.26 5.45
CA ALA A 176 -14.75 -4.16 4.60
C ALA A 176 -15.08 -4.66 3.18
N LEU A 177 -14.25 -5.56 2.66
CA LEU A 177 -14.50 -6.16 1.35
C LEU A 177 -15.76 -7.05 1.36
N GLN A 178 -15.96 -7.77 2.45
CA GLN A 178 -17.18 -8.55 2.65
C GLN A 178 -18.39 -7.63 2.66
N TRP A 179 -18.25 -6.49 3.35
CA TRP A 179 -19.33 -5.54 3.46
C TRP A 179 -19.70 -4.96 2.10
N VAL A 180 -18.67 -4.56 1.36
CA VAL A 180 -18.84 -4.04 0.01
C VAL A 180 -19.51 -5.09 -0.88
N HIS A 181 -19.01 -6.32 -0.81
CA HIS A 181 -19.58 -7.42 -1.58
C HIS A 181 -21.07 -7.58 -1.31
N ASP A 182 -21.45 -7.48 -0.04
CA ASP A 182 -22.84 -7.70 0.37
C ASP A 182 -23.77 -6.49 0.15
N ASN A 183 -23.22 -5.29 0.12
CA ASN A 183 -24.05 -4.06 0.14
C ASN A 183 -23.84 -3.03 -0.97
N ILE A 184 -22.77 -3.15 -1.75
CA ILE A 184 -22.46 -2.12 -2.74
C ILE A 184 -23.54 -2.02 -3.83
N GLN A 185 -24.31 -3.09 -4.02
CA GLN A 185 -25.43 -3.07 -4.97
C GLN A 185 -26.43 -1.97 -4.67
N PHE A 186 -26.59 -1.61 -3.40
CA PHE A 186 -27.58 -0.60 -3.01
C PHE A 186 -27.10 0.82 -3.30
N PHE A 187 -25.80 0.98 -3.50
CA PHE A 187 -25.20 2.24 -3.90
C PHE A 187 -24.97 2.31 -5.41
N GLY A 188 -25.48 1.32 -6.14
CA GLY A 188 -25.33 1.27 -7.60
C GLY A 188 -24.11 0.52 -8.09
N GLY A 189 -23.34 -0.07 -7.17
CA GLY A 189 -22.15 -0.82 -7.53
C GLY A 189 -22.48 -2.24 -7.97
N ASP A 190 -21.68 -2.76 -8.89
CA ASP A 190 -21.77 -4.16 -9.30
C ASP A 190 -20.80 -5.00 -8.46
N PRO A 191 -21.33 -5.86 -7.56
CA PRO A 191 -20.43 -6.59 -6.65
C PRO A 191 -19.63 -7.70 -7.32
N LYS A 192 -20.00 -8.11 -8.52
CA LYS A 192 -19.21 -9.08 -9.28
C LYS A 192 -18.13 -8.40 -10.14
N THR A 193 -17.99 -7.08 -10.01
CA THR A 193 -16.98 -6.33 -10.75
C THR A 193 -16.30 -5.33 -9.82
N VAL A 194 -15.72 -5.86 -8.75
CA VAL A 194 -15.00 -5.06 -7.76
C VAL A 194 -13.51 -5.23 -7.99
N THR A 195 -12.80 -4.11 -8.18
CA THR A 195 -11.36 -4.09 -8.25
C THR A 195 -10.80 -3.54 -6.97
N ILE A 196 -9.93 -4.28 -6.31
CA ILE A 196 -9.21 -3.74 -5.15
C ILE A 196 -7.90 -3.15 -5.63
N PHE A 197 -7.55 -1.98 -5.10
CA PHE A 197 -6.30 -1.33 -5.44
C PHE A 197 -5.68 -0.62 -4.26
N GLY A 198 -4.35 -0.56 -4.24
CA GLY A 198 -3.64 0.05 -3.14
C GLY A 198 -2.19 0.31 -3.46
N GLU A 199 -1.57 1.17 -2.65
CA GLU A 199 -0.18 1.55 -2.86
C GLU A 199 0.67 1.14 -1.65
N SER A 200 1.87 0.64 -1.96
CA SER A 200 2.85 0.26 -0.95
C SER A 200 2.32 -0.87 -0.06
N ALA A 201 2.19 -0.65 1.25
CA ALA A 201 1.57 -1.67 2.11
C ALA A 201 0.16 -2.04 1.63
N GLY A 202 -0.52 -1.08 0.99
CA GLY A 202 -1.81 -1.34 0.36
C GLY A 202 -1.72 -2.25 -0.85
N GLY A 203 -0.67 -2.07 -1.64
CA GLY A 203 -0.39 -2.94 -2.77
C GLY A 203 0.00 -4.33 -2.31
N ALA A 204 0.86 -4.41 -1.30
CA ALA A 204 1.18 -5.68 -0.67
C ALA A 204 -0.10 -6.35 -0.14
N SER A 205 -0.95 -5.56 0.51
CA SER A 205 -2.23 -6.05 1.01
C SER A 205 -3.11 -6.64 -0.10
N VAL A 206 -3.25 -5.91 -1.21
CA VAL A 206 -3.98 -6.42 -2.37
C VAL A 206 -3.46 -7.80 -2.79
N GLY A 207 -2.15 -7.93 -2.94
CA GLY A 207 -1.54 -9.21 -3.32
C GLY A 207 -1.77 -10.29 -2.28
N MET A 208 -1.89 -9.89 -1.03
CA MET A 208 -2.17 -10.82 0.06
C MET A 208 -3.61 -11.36 0.00
N HIS A 209 -4.55 -10.53 -0.46
CA HIS A 209 -5.93 -10.98 -0.64
C HIS A 209 -6.07 -11.87 -1.86
N ILE A 210 -5.20 -11.68 -2.85
CA ILE A 210 -5.09 -12.58 -3.99
C ILE A 210 -4.63 -13.97 -3.53
N LEU A 211 -3.66 -13.99 -2.61
CA LEU A 211 -3.10 -15.24 -2.12
C LEU A 211 -4.03 -15.96 -1.13
N SER A 212 -4.56 -15.22 -0.16
CA SER A 212 -5.32 -15.81 0.93
C SER A 212 -6.68 -16.37 0.49
N PRO A 213 -6.88 -17.69 0.63
CA PRO A 213 -8.14 -18.34 0.23
C PRO A 213 -9.41 -17.64 0.74
N GLY A 214 -9.39 -17.17 1.98
CA GLY A 214 -10.56 -16.52 2.58
C GLY A 214 -10.90 -15.13 2.08
N SER A 215 -10.03 -14.53 1.26
CA SER A 215 -10.28 -13.22 0.66
C SER A 215 -10.61 -13.27 -0.84
N ARG A 216 -10.23 -14.36 -1.50
CA ARG A 216 -10.27 -14.44 -2.97
C ARG A 216 -11.64 -14.20 -3.59
N ASP A 217 -12.68 -14.67 -2.93
CA ASP A 217 -14.02 -14.64 -3.52
C ASP A 217 -14.69 -13.28 -3.41
N LEU A 218 -14.09 -12.34 -2.69
CA LEU A 218 -14.74 -11.05 -2.39
C LEU A 218 -14.40 -9.94 -3.37
N PHE A 219 -13.64 -10.24 -4.43
CA PHE A 219 -13.31 -9.23 -5.44
C PHE A 219 -13.01 -9.89 -6.78
N ARG A 220 -13.02 -9.09 -7.85
CA ARG A 220 -12.89 -9.60 -9.21
C ARG A 220 -11.45 -9.50 -9.72
N ARG A 221 -10.84 -8.33 -9.57
CA ARG A 221 -9.48 -8.11 -10.07
C ARG A 221 -8.74 -7.13 -9.17
N ALA A 222 -7.46 -6.88 -9.48
CA ALA A 222 -6.56 -6.22 -8.54
C ALA A 222 -5.57 -5.29 -9.22
N ILE A 223 -5.22 -4.23 -8.53
CA ILE A 223 -4.21 -3.26 -8.96
C ILE A 223 -3.24 -3.05 -7.80
N LEU A 224 -1.95 -3.24 -8.05
CA LEU A 224 -0.91 -3.09 -7.03
C LEU A 224 0.04 -1.96 -7.44
N GLN A 225 0.14 -0.93 -6.61
CA GLN A 225 1.01 0.21 -6.88
C GLN A 225 2.18 0.20 -5.90
N SER A 226 3.40 -0.01 -6.41
CA SER A 226 4.61 0.07 -5.61
C SER A 226 4.56 -0.82 -4.37
N GLY A 227 4.07 -2.04 -4.55
CA GLY A 227 3.96 -2.98 -3.44
C GLY A 227 3.58 -4.36 -3.94
N SER A 228 4.06 -5.39 -3.25
CA SER A 228 3.69 -6.74 -3.57
C SER A 228 3.79 -7.58 -2.30
N PRO A 229 3.06 -8.70 -2.24
CA PRO A 229 2.91 -9.40 -0.95
C PRO A 229 4.21 -10.02 -0.45
N ASN A 230 5.12 -10.35 -1.36
CA ASN A 230 6.42 -10.95 -1.05
C ASN A 230 7.54 -9.95 -0.72
N CYS A 231 7.22 -8.66 -0.57
CA CYS A 231 8.22 -7.66 -0.23
C CYS A 231 8.91 -8.00 1.09
N PRO A 232 10.24 -7.75 1.17
CA PRO A 232 11.00 -8.18 2.35
C PRO A 232 10.51 -7.57 3.68
N TRP A 233 9.83 -6.42 3.59
CA TRP A 233 9.33 -5.69 4.76
C TRP A 233 7.88 -6.00 5.13
N ALA A 234 7.17 -6.71 4.26
CA ALA A 234 5.72 -6.83 4.36
C ALA A 234 5.23 -8.02 5.18
N SER A 235 6.14 -8.89 5.62
CA SER A 235 5.75 -10.01 6.47
C SER A 235 6.88 -10.51 7.34
N VAL A 236 6.53 -11.23 8.40
CA VAL A 236 7.51 -11.87 9.27
C VAL A 236 7.05 -13.29 9.61
N SER A 237 7.98 -14.12 10.10
CA SER A 237 7.62 -15.46 10.57
C SER A 237 6.84 -15.36 11.87
N VAL A 238 6.22 -16.45 12.29
CA VAL A 238 5.51 -16.47 13.57
C VAL A 238 6.49 -16.25 14.72
N ALA A 239 7.68 -16.81 14.60
CA ALA A 239 8.70 -16.67 15.65
C ALA A 239 9.17 -15.22 15.79
N GLU A 240 9.37 -14.53 14.67
CA GLU A 240 9.82 -13.12 14.72
C GLU A 240 8.69 -12.21 15.21
N GLY A 241 7.47 -12.47 14.77
CA GLY A 241 6.30 -11.77 15.31
C GLY A 241 6.20 -11.92 16.82
N ARG A 242 6.33 -13.16 17.28
CA ARG A 242 6.32 -13.46 18.71
C ARG A 242 7.42 -12.68 19.44
N ARG A 243 8.64 -12.72 18.91
CA ARG A 243 9.77 -12.03 19.54
C ARG A 243 9.52 -10.53 19.68
N ARG A 244 8.96 -9.92 18.63
CA ARG A 244 8.70 -8.48 18.64
C ARG A 244 7.61 -8.11 19.63
N ALA A 245 6.57 -8.93 19.73
CA ALA A 245 5.49 -8.69 20.68
C ALA A 245 5.98 -8.77 22.11
N VAL A 246 6.86 -9.74 22.39
CA VAL A 246 7.46 -9.89 23.71
C VAL A 246 8.40 -8.72 24.00
N GLU A 247 9.13 -8.27 22.98
CA GLU A 247 10.01 -7.11 23.13
C GLU A 247 9.20 -5.83 23.39
N LEU A 248 8.03 -5.72 22.79
CA LEU A 248 7.14 -4.60 23.05
C LEU A 248 6.73 -4.61 24.53
N GLY A 249 6.29 -5.78 25.01
CA GLY A 249 5.97 -5.95 26.43
C GLY A 249 7.11 -5.61 27.36
N ARG A 250 8.31 -6.01 26.98
CA ARG A 250 9.51 -5.72 27.76
C ARG A 250 9.77 -4.20 27.84
N ASN A 251 9.50 -3.50 26.74
CA ASN A 251 9.62 -2.03 26.70
C ASN A 251 8.61 -1.30 27.60
N LEU A 252 7.47 -1.94 27.89
CA LEU A 252 6.41 -1.35 28.70
C LEU A 252 6.29 -2.00 30.09
N ASN A 253 7.35 -2.69 30.52
CA ASN A 253 7.41 -3.30 31.85
C ASN A 253 6.28 -4.30 32.10
N CYS A 254 5.94 -5.08 31.09
CA CYS A 254 4.86 -6.06 31.20
C CYS A 254 5.36 -7.34 31.85
N ASN A 255 4.44 -8.07 32.48
CA ASN A 255 4.68 -9.44 32.90
C ASN A 255 4.76 -10.30 31.64
N LEU A 256 5.85 -11.05 31.50
CA LEU A 256 6.10 -11.84 30.29
C LEU A 256 6.02 -13.36 30.52
N ASN A 257 5.44 -13.79 31.64
CA ASN A 257 5.38 -15.23 31.96
C ASN A 257 4.45 -16.05 31.05
N SER A 258 3.47 -15.40 30.43
CA SER A 258 2.56 -16.08 29.51
C SER A 258 1.99 -15.11 28.50
N ASP A 259 1.43 -15.64 27.42
CA ASP A 259 0.74 -14.84 26.43
C ASP A 259 -0.40 -14.05 27.06
N GLU A 260 -1.14 -14.67 27.96
CA GLU A 260 -2.27 -14.03 28.63
C GLU A 260 -1.81 -12.84 29.49
N GLU A 261 -0.71 -13.02 30.21
CA GLU A 261 -0.14 -11.95 31.02
C GLU A 261 0.31 -10.78 30.13
N LEU A 262 1.05 -11.10 29.08
CA LEU A 262 1.56 -10.09 28.14
C LEU A 262 0.42 -9.31 27.47
N ILE A 263 -0.58 -10.02 26.97
CA ILE A 263 -1.69 -9.39 26.24
C ILE A 263 -2.53 -8.53 27.16
N HIS A 264 -2.83 -9.03 28.37
CA HIS A 264 -3.58 -8.25 29.34
C HIS A 264 -2.88 -6.93 29.67
N CYS A 265 -1.56 -7.00 29.84
CA CYS A 265 -0.76 -5.80 30.12
C CYS A 265 -0.87 -4.80 28.96
N LEU A 266 -0.68 -5.29 27.73
CA LEU A 266 -0.75 -4.43 26.55
C LEU A 266 -2.12 -3.79 26.34
N ARG A 267 -3.18 -4.45 26.82
CA ARG A 267 -4.53 -3.90 26.72
C ARG A 267 -4.82 -2.84 27.77
N GLU A 268 -4.11 -2.87 28.89
CA GLU A 268 -4.25 -1.82 29.91
C GLU A 268 -3.58 -0.50 29.51
N LYS A 269 -2.66 -0.55 28.54
CA LYS A 269 -1.90 0.63 28.12
C LYS A 269 -2.71 1.54 27.20
N LYS A 270 -2.53 2.85 27.35
CA LYS A 270 -3.09 3.80 26.38
C LYS A 270 -2.40 3.62 25.03
N PRO A 271 -3.13 3.87 23.93
CA PRO A 271 -2.57 3.68 22.59
C PRO A 271 -1.21 4.34 22.37
N GLN A 272 -1.02 5.54 22.88
CA GLN A 272 0.21 6.29 22.65
C GLN A 272 1.43 5.67 23.36
N GLU A 273 1.18 4.92 24.44
CA GLU A 273 2.26 4.21 25.13
C GLU A 273 2.84 3.12 24.24
N LEU A 274 1.98 2.43 23.50
CA LEU A 274 2.43 1.41 22.55
C LEU A 274 3.20 2.05 21.39
N ILE A 275 2.64 3.13 20.85
CA ILE A 275 3.24 3.84 19.73
C ILE A 275 4.60 4.41 20.09
N ASP A 276 4.74 4.92 21.32
CA ASP A 276 6.00 5.51 21.79
C ASP A 276 7.22 4.57 21.79
N VAL A 277 6.99 3.26 21.92
CA VAL A 277 8.09 2.28 21.94
C VAL A 277 8.09 1.31 20.74
N GLU A 278 7.13 1.49 19.83
CA GLU A 278 6.93 0.61 18.67
C GLU A 278 8.19 0.34 17.83
N TRP A 279 9.01 1.36 17.62
CA TRP A 279 10.19 1.24 16.78
C TRP A 279 11.38 0.60 17.49
N ASN A 280 11.27 0.37 18.80
CA ASN A 280 12.35 -0.24 19.56
C ASN A 280 12.49 -1.76 19.37
N VAL A 281 11.49 -2.40 18.75
CA VAL A 281 11.47 -3.86 18.65
C VAL A 281 12.02 -4.44 17.36
N LEU A 282 12.46 -3.58 16.43
CA LEU A 282 13.11 -4.07 15.22
C LEU A 282 14.38 -4.82 15.61
N PRO A 283 14.70 -5.91 14.88
CA PRO A 283 15.89 -6.70 15.25
C PRO A 283 17.20 -6.07 14.80
N PHE A 284 17.16 -5.28 13.73
CA PHE A 284 18.37 -4.70 13.14
C PHE A 284 18.25 -3.20 12.95
N ASP A 285 19.41 -2.55 12.93
CA ASP A 285 19.53 -1.19 12.47
C ASP A 285 19.26 -1.22 10.96
N SER A 286 18.17 -0.59 10.54
CA SER A 286 17.69 -0.77 9.18
C SER A 286 16.81 0.38 8.67
N ILE A 287 16.66 0.46 7.36
CA ILE A 287 15.67 1.35 6.75
C ILE A 287 14.70 0.47 5.97
N PHE A 288 13.50 1.00 5.73
CA PHE A 288 12.45 0.27 5.05
C PHE A 288 12.10 -1.02 5.80
N ARG A 289 12.05 -0.93 7.12
CA ARG A 289 11.61 -2.04 7.97
C ARG A 289 10.67 -1.50 9.04
N PHE A 290 9.59 -2.22 9.27
CA PHE A 290 8.51 -1.77 10.14
C PHE A 290 8.21 -2.88 11.14
N SER A 291 7.79 -2.47 12.34
CA SER A 291 7.72 -3.38 13.47
C SER A 291 6.62 -4.43 13.36
N PHE A 292 5.39 -3.97 13.19
CA PHE A 292 4.23 -4.86 13.23
C PHE A 292 3.57 -4.99 11.87
N VAL A 293 3.82 -6.13 11.24
CA VAL A 293 3.40 -6.37 9.87
C VAL A 293 2.73 -7.74 9.80
N PRO A 294 2.14 -8.09 8.64
CA PRO A 294 1.52 -9.41 8.52
C PRO A 294 2.47 -10.56 8.89
N VAL A 295 1.88 -11.67 9.31
CA VAL A 295 2.65 -12.82 9.76
C VAL A 295 2.24 -14.07 8.98
N ILE A 296 3.23 -14.90 8.63
CA ILE A 296 2.99 -16.12 7.86
C ILE A 296 2.53 -17.19 8.86
N ASP A 297 1.23 -17.33 8.99
CA ASP A 297 0.62 -18.02 10.14
C ASP A 297 0.11 -19.43 9.86
N GLY A 298 -0.01 -19.81 8.59
CA GLY A 298 -0.63 -21.10 8.24
C GLY A 298 -2.16 -21.06 8.24
N GLU A 299 -2.74 -19.85 8.34
CA GLU A 299 -4.18 -19.67 8.35
C GLU A 299 -4.57 -18.67 7.25
N PHE A 300 -4.31 -17.39 7.48
CA PHE A 300 -4.50 -16.37 6.45
C PHE A 300 -3.61 -16.73 5.25
N PHE A 301 -2.37 -17.09 5.55
CA PHE A 301 -1.44 -17.65 4.56
C PHE A 301 -1.22 -19.12 4.90
N PRO A 302 -1.78 -20.04 4.09
CA PRO A 302 -1.68 -21.48 4.41
C PRO A 302 -0.24 -22.02 4.43
N THR A 303 0.60 -21.52 3.52
CA THR A 303 2.02 -21.88 3.48
C THR A 303 2.86 -20.63 3.17
N SER A 304 4.18 -20.81 3.07
CA SER A 304 5.08 -19.71 2.73
C SER A 304 4.61 -19.04 1.45
N LEU A 305 4.85 -17.74 1.34
CA LEU A 305 4.40 -16.98 0.17
C LEU A 305 5.00 -17.54 -1.13
N GLU A 306 6.28 -17.89 -1.08
CA GLU A 306 6.99 -18.43 -2.24
C GLU A 306 6.43 -19.77 -2.73
N SER A 307 6.08 -20.67 -1.82
CA SER A 307 5.50 -21.96 -2.21
C SER A 307 4.09 -21.75 -2.81
N MET A 308 3.33 -20.81 -2.26
CA MET A 308 2.04 -20.45 -2.83
C MET A 308 2.20 -19.89 -4.25
N LEU A 309 3.21 -19.04 -4.45
CA LEU A 309 3.47 -18.49 -5.78
C LEU A 309 3.94 -19.53 -6.80
N ASN A 310 4.84 -20.43 -6.40
CA ASN A 310 5.34 -21.45 -7.32
C ASN A 310 4.30 -22.48 -7.72
N SER A 311 3.34 -22.76 -6.84
CA SER A 311 2.34 -23.79 -7.07
C SER A 311 1.01 -23.25 -7.64
N GLY A 312 0.93 -21.93 -7.85
CA GLY A 312 -0.29 -21.34 -8.39
C GLY A 312 -1.43 -21.30 -7.39
N ASN A 313 -1.09 -21.27 -6.11
CA ASN A 313 -2.09 -21.21 -5.05
C ASN A 313 -2.47 -19.75 -4.80
N PHE A 314 -3.30 -19.23 -5.69
CA PHE A 314 -3.79 -17.86 -5.59
C PHE A 314 -4.94 -17.63 -6.56
N LYS A 315 -5.68 -16.56 -6.33
CA LYS A 315 -6.76 -16.18 -7.21
C LYS A 315 -6.20 -15.90 -8.59
N LYS A 316 -6.81 -16.53 -9.59
CA LYS A 316 -6.40 -16.36 -10.99
C LYS A 316 -7.33 -15.39 -11.69
N THR A 317 -6.83 -14.19 -11.96
CA THR A 317 -7.62 -13.13 -12.57
C THR A 317 -6.69 -12.19 -13.34
N GLN A 318 -7.13 -10.97 -13.60
CA GLN A 318 -6.28 -9.97 -14.25
C GLN A 318 -5.69 -9.07 -13.19
N ILE A 319 -4.43 -8.70 -13.35
CA ILE A 319 -3.80 -7.74 -12.47
C ILE A 319 -3.11 -6.65 -13.29
N LEU A 320 -3.14 -5.44 -12.74
CA LEU A 320 -2.45 -4.30 -13.31
C LEU A 320 -1.59 -3.73 -12.19
N LEU A 321 -0.31 -3.52 -12.45
CA LEU A 321 0.62 -3.16 -11.38
C LEU A 321 1.88 -2.49 -11.91
N GLY A 322 2.61 -1.85 -11.01
CA GLY A 322 3.82 -1.15 -11.41
C GLY A 322 4.51 -0.43 -10.28
N VAL A 323 5.52 0.36 -10.67
CA VAL A 323 6.43 0.99 -9.74
C VAL A 323 6.81 2.39 -10.19
N ASN A 324 7.35 3.18 -9.26
CA ASN A 324 7.92 4.48 -9.57
C ASN A 324 9.44 4.38 -9.71
N LYS A 325 10.04 5.36 -10.37
CA LYS A 325 11.46 5.34 -10.70
C LYS A 325 12.40 5.39 -9.49
N ASP A 326 12.01 6.12 -8.45
CA ASP A 326 12.89 6.38 -7.31
C ASP A 326 12.18 6.04 -5.99
N GLU A 327 11.81 4.77 -5.85
CA GLU A 327 11.07 4.28 -4.68
C GLU A 327 11.85 4.47 -3.37
N GLY A 328 13.18 4.36 -3.44
CA GLY A 328 14.00 4.34 -2.24
C GLY A 328 14.23 5.65 -1.52
N SER A 329 14.11 6.77 -2.22
CA SER A 329 14.63 8.04 -1.73
C SER A 329 14.02 8.48 -0.38
N PHE A 330 12.72 8.27 -0.21
CA PHE A 330 12.04 8.63 1.04
C PHE A 330 12.71 8.00 2.26
N PHE A 331 13.09 6.73 2.10
CA PHE A 331 13.57 5.92 3.21
C PHE A 331 15.04 6.16 3.52
N LEU A 332 15.77 6.68 2.53
CA LEU A 332 17.14 7.12 2.74
C LEU A 332 17.17 8.46 3.48
N LEU A 333 16.23 9.35 3.14
CA LEU A 333 16.10 10.62 3.82
C LEU A 333 15.81 10.45 5.31
N TYR A 334 14.93 9.51 5.64
CA TYR A 334 14.56 9.21 7.03
C TYR A 334 15.49 8.17 7.68
N GLY A 335 16.78 8.45 7.80
CA GLY A 335 17.65 7.58 8.60
C GLY A 335 19.05 7.32 8.11
N ALA A 336 19.25 7.27 6.79
CA ALA A 336 20.56 6.95 6.23
C ALA A 336 21.49 8.15 6.33
N PRO A 337 22.72 7.94 6.83
CA PRO A 337 23.63 9.06 7.01
C PRO A 337 24.04 9.68 5.67
N GLY A 338 24.12 11.01 5.64
CA GLY A 338 24.52 11.75 4.44
C GLY A 338 23.36 12.36 3.69
N PHE A 339 22.15 11.86 3.94
CA PHE A 339 20.95 12.33 3.26
C PHE A 339 20.21 13.33 4.12
N SER A 340 19.90 14.48 3.55
CA SER A 340 19.08 15.47 4.20
C SER A 340 18.16 16.15 3.20
N LYS A 341 17.10 16.76 3.69
CA LYS A 341 16.06 17.33 2.83
C LYS A 341 16.53 18.54 2.03
N ASP A 342 17.39 19.38 2.61
CA ASP A 342 17.73 20.66 2.01
C ASP A 342 19.12 20.71 1.34
N SER A 343 19.72 19.55 1.10
CA SER A 343 20.95 19.48 0.29
C SER A 343 20.75 18.48 -0.83
N GLU A 344 21.66 18.51 -1.79
CA GLU A 344 21.70 17.53 -2.87
C GLU A 344 22.04 16.12 -2.39
N SER A 345 22.51 16.03 -1.14
CA SER A 345 22.78 14.75 -0.49
C SER A 345 23.78 13.91 -1.27
N LYS A 346 24.91 14.53 -1.63
CA LYS A 346 26.01 13.82 -2.24
C LYS A 346 26.65 12.94 -1.18
N ILE A 347 26.78 11.65 -1.49
CA ILE A 347 27.17 10.64 -0.50
C ILE A 347 28.63 10.20 -0.69
N SER A 348 29.38 10.18 0.39
CA SER A 348 30.75 9.65 0.39
C SER A 348 30.73 8.12 0.33
N ARG A 349 31.88 7.53 -0.02
CA ARG A 349 32.05 6.07 0.03
C ARG A 349 31.65 5.49 1.39
N GLU A 350 32.05 6.16 2.47
CA GLU A 350 31.78 5.67 3.82
C GLU A 350 30.29 5.64 4.12
N ASP A 351 29.60 6.75 3.81
CA ASP A 351 28.14 6.81 3.99
C ASP A 351 27.40 5.87 3.03
N PHE A 352 27.98 5.63 1.85
CA PHE A 352 27.44 4.64 0.94
C PHE A 352 27.46 3.26 1.60
N MET A 353 28.61 2.89 2.16
CA MET A 353 28.76 1.61 2.87
C MET A 353 27.77 1.49 4.02
N SER A 354 27.65 2.54 4.83
CA SER A 354 26.68 2.56 5.92
C SER A 354 25.24 2.39 5.40
N GLY A 355 24.95 3.05 4.28
CA GLY A 355 23.64 2.94 3.64
C GLY A 355 23.32 1.52 3.17
N VAL A 356 24.33 0.83 2.64
CA VAL A 356 24.16 -0.55 2.18
C VAL A 356 23.82 -1.47 3.35
N LYS A 357 24.53 -1.28 4.47
CA LYS A 357 24.30 -2.03 5.69
C LYS A 357 22.86 -1.86 6.20
N LEU A 358 22.39 -0.61 6.20
CA LEU A 358 21.02 -0.32 6.62
C LEU A 358 19.98 -0.86 5.65
N SER A 359 20.30 -0.85 4.37
CA SER A 359 19.35 -1.28 3.33
C SER A 359 19.14 -2.80 3.30
N VAL A 360 20.18 -3.57 3.67
CA VAL A 360 20.10 -5.03 3.63
C VAL A 360 20.52 -5.57 5.00
N PRO A 361 19.69 -5.32 6.03
CA PRO A 361 20.08 -5.64 7.41
C PRO A 361 20.31 -7.12 7.69
N HIS A 362 19.69 -7.97 6.88
CA HIS A 362 19.75 -9.42 7.08
C HIS A 362 20.97 -10.09 6.43
N ALA A 363 21.94 -9.30 5.97
CA ALA A 363 23.04 -9.80 5.15
C ALA A 363 24.37 -9.86 5.89
N ASN A 364 25.14 -10.91 5.63
CA ASN A 364 26.51 -11.01 6.12
C ASN A 364 27.42 -10.12 5.27
N ASP A 365 28.69 -10.03 5.65
CA ASP A 365 29.62 -9.14 4.98
C ASP A 365 29.78 -9.46 3.50
N LEU A 366 29.83 -10.74 3.15
CA LEU A 366 29.91 -11.15 1.75
C LEU A 366 28.70 -10.64 0.97
N GLY A 367 27.51 -10.75 1.57
CA GLY A 367 26.30 -10.22 0.95
C GLY A 367 26.39 -8.72 0.70
N LEU A 368 26.85 -8.00 1.72
CA LEU A 368 27.01 -6.54 1.63
C LEU A 368 28.02 -6.15 0.56
N ASP A 369 29.12 -6.89 0.48
CA ASP A 369 30.10 -6.71 -0.59
C ASP A 369 29.48 -6.92 -1.98
N ALA A 370 28.66 -7.95 -2.11
CA ALA A 370 28.01 -8.28 -3.38
C ALA A 370 27.12 -7.12 -3.85
N VAL A 371 26.33 -6.57 -2.91
CA VAL A 371 25.47 -5.42 -3.20
C VAL A 371 26.32 -4.21 -3.61
N THR A 372 27.35 -3.93 -2.82
CA THR A 372 28.26 -2.82 -3.07
C THR A 372 28.92 -2.89 -4.45
N LEU A 373 29.45 -4.06 -4.79
CA LEU A 373 30.04 -4.29 -6.12
C LEU A 373 29.03 -3.99 -7.22
N GLN A 374 27.82 -4.51 -7.05
CA GLN A 374 26.78 -4.46 -8.06
C GLN A 374 26.30 -3.04 -8.38
N TYR A 375 26.41 -2.13 -7.42
CA TYR A 375 25.87 -0.78 -7.56
C TYR A 375 26.94 0.32 -7.53
N THR A 376 28.21 -0.06 -7.66
CA THR A 376 29.30 0.90 -7.68
C THR A 376 29.90 0.99 -9.07
N ASP A 377 30.04 2.21 -9.58
CA ASP A 377 30.85 2.47 -10.76
C ASP A 377 32.30 2.60 -10.29
N TRP A 378 33.10 1.58 -10.54
CA TRP A 378 34.50 1.57 -10.06
C TRP A 378 35.44 2.45 -10.88
N MET A 379 34.95 3.02 -11.98
CA MET A 379 35.70 4.05 -12.72
C MET A 379 35.58 5.42 -12.06
N ASP A 380 34.66 5.55 -11.10
CA ASP A 380 34.30 6.85 -10.56
C ASP A 380 33.57 6.65 -9.22
N ASP A 381 34.26 6.00 -8.28
CA ASP A 381 33.62 5.56 -7.03
C ASP A 381 33.52 6.64 -5.93
N ASN A 382 34.12 7.81 -6.16
CA ASN A 382 33.99 8.94 -5.24
C ASN A 382 33.03 10.01 -5.74
N ASN A 383 32.29 9.70 -6.80
CA ASN A 383 31.25 10.57 -7.30
C ASN A 383 30.05 10.51 -6.36
N GLY A 384 29.81 11.61 -5.64
CA GLY A 384 28.73 11.68 -4.65
C GLY A 384 27.33 11.59 -5.22
N ILE A 385 27.18 11.97 -6.47
CA ILE A 385 25.88 11.83 -7.16
C ILE A 385 25.61 10.37 -7.46
N LYS A 386 26.61 9.67 -7.98
CA LYS A 386 26.49 8.24 -8.31
C LYS A 386 26.29 7.37 -7.08
N ASN A 387 26.99 7.69 -5.99
CA ASN A 387 26.80 6.98 -4.73
C ASN A 387 25.38 7.19 -4.20
N ARG A 388 24.91 8.43 -4.25
CA ARG A 388 23.55 8.76 -3.84
C ARG A 388 22.52 7.97 -4.65
N ASP A 389 22.61 8.11 -5.97
CA ASP A 389 21.65 7.47 -6.89
C ASP A 389 21.74 5.94 -6.86
N GLY A 390 22.94 5.42 -6.70
CA GLY A 390 23.15 3.98 -6.51
C GLY A 390 22.47 3.44 -5.27
N LEU A 391 22.62 4.14 -4.14
CA LEU A 391 21.90 3.79 -2.91
C LEU A 391 20.40 3.88 -3.11
N ASP A 392 19.95 4.94 -3.77
CA ASP A 392 18.53 5.11 -4.08
C ASP A 392 18.00 3.87 -4.81
N ASP A 393 18.74 3.44 -5.83
CA ASP A 393 18.36 2.24 -6.59
C ASP A 393 18.40 0.97 -5.74
N ILE A 394 19.41 0.83 -4.89
CA ILE A 394 19.50 -0.34 -4.01
C ILE A 394 18.22 -0.48 -3.19
N VAL A 395 17.80 0.62 -2.58
CA VAL A 395 16.66 0.59 -1.67
C VAL A 395 15.37 0.30 -2.44
N GLY A 396 15.19 0.97 -3.57
CA GLY A 396 14.03 0.75 -4.45
C GLY A 396 13.97 -0.65 -5.05
N ASP A 397 15.10 -1.11 -5.58
CA ASP A 397 15.18 -2.43 -6.20
C ASP A 397 14.89 -3.54 -5.19
N HIS A 398 15.57 -3.49 -4.05
CA HIS A 398 15.43 -4.52 -3.04
C HIS A 398 14.04 -4.55 -2.40
N ASN A 399 13.49 -3.39 -2.06
CA ASN A 399 12.25 -3.34 -1.30
C ASN A 399 10.95 -3.31 -2.11
N VAL A 400 11.02 -2.87 -3.37
CA VAL A 400 9.80 -2.65 -4.15
C VAL A 400 9.85 -3.29 -5.53
N ILE A 401 10.79 -2.85 -6.37
CA ILE A 401 10.76 -3.22 -7.77
C ILE A 401 11.02 -4.70 -7.99
N CYS A 402 12.11 -5.22 -7.41
CA CYS A 402 12.45 -6.63 -7.66
C CYS A 402 11.50 -7.62 -6.98
N PRO A 403 11.02 -7.31 -5.77
CA PRO A 403 9.97 -8.20 -5.24
C PRO A 403 8.71 -8.20 -6.12
N LEU A 404 8.32 -7.02 -6.61
CA LEU A 404 7.19 -6.94 -7.53
C LEU A 404 7.45 -7.71 -8.84
N MET A 405 8.66 -7.59 -9.40
CA MET A 405 8.98 -8.30 -10.63
C MET A 405 8.98 -9.82 -10.44
N HIS A 406 9.38 -10.27 -9.26
CA HIS A 406 9.31 -11.69 -8.94
C HIS A 406 7.84 -12.12 -8.86
N PHE A 407 7.03 -11.34 -8.15
CA PHE A 407 5.60 -11.59 -8.07
C PHE A 407 4.93 -11.61 -9.46
N VAL A 408 5.26 -10.60 -10.26
CA VAL A 408 4.72 -10.48 -11.62
C VAL A 408 5.00 -11.72 -12.45
N ASN A 409 6.26 -12.14 -12.46
CA ASN A 409 6.66 -13.29 -13.26
C ASN A 409 6.02 -14.59 -12.77
N LYS A 410 5.90 -14.74 -11.45
CA LYS A 410 5.23 -15.91 -10.88
C LYS A 410 3.72 -15.87 -11.14
N TYR A 411 3.10 -14.69 -11.02
CA TYR A 411 1.65 -14.60 -11.19
C TYR A 411 1.25 -14.90 -12.63
N THR A 412 2.02 -14.37 -13.57
CA THR A 412 1.69 -14.41 -14.99
C THR A 412 1.65 -15.83 -15.58
N LYS A 413 2.39 -16.77 -15.00
CA LYS A 413 2.30 -18.17 -15.43
C LYS A 413 0.88 -18.73 -15.28
N PHE A 414 0.20 -18.35 -14.20
CA PHE A 414 -1.14 -18.87 -13.88
C PHE A 414 -2.29 -17.88 -14.10
N GLY A 415 -1.99 -16.59 -14.14
CA GLY A 415 -3.01 -15.54 -14.20
C GLY A 415 -3.73 -15.46 -15.53
N ASN A 416 -4.71 -14.55 -15.59
CA ASN A 416 -5.51 -14.35 -16.79
C ASN A 416 -5.20 -13.04 -17.52
N GLY A 417 -4.12 -12.37 -17.15
CA GLY A 417 -3.74 -11.13 -17.81
C GLY A 417 -3.02 -10.18 -16.89
N THR A 418 -1.82 -9.76 -17.29
CA THR A 418 -1.00 -8.87 -16.51
C THR A 418 -0.68 -7.63 -17.32
N TYR A 419 -0.80 -6.46 -16.70
CA TYR A 419 -0.39 -5.20 -17.31
C TYR A 419 0.55 -4.46 -16.37
N LEU A 420 1.76 -4.17 -16.84
CA LEU A 420 2.83 -3.63 -16.01
C LEU A 420 3.21 -2.20 -16.42
N TYR A 421 3.43 -1.32 -15.44
CA TYR A 421 3.83 0.06 -15.71
C TYR A 421 5.06 0.51 -14.93
N PHE A 422 5.78 1.48 -15.50
CA PHE A 422 6.88 2.17 -14.84
C PHE A 422 6.55 3.67 -14.86
N PHE A 423 6.17 4.20 -13.71
CA PHE A 423 5.77 5.60 -13.58
C PHE A 423 7.01 6.46 -13.31
N ASN A 424 7.36 7.33 -14.24
CA ASN A 424 8.59 8.11 -14.10
C ASN A 424 8.46 9.60 -14.43
N HIS A 425 7.33 10.18 -14.04
CA HIS A 425 7.16 11.63 -14.14
C HIS A 425 7.30 12.27 -12.76
N ARG A 426 8.19 13.25 -12.66
CA ARG A 426 8.30 14.06 -11.45
C ARG A 426 7.34 15.22 -11.58
N ALA A 427 6.41 15.33 -10.63
CA ALA A 427 5.43 16.41 -10.64
C ALA A 427 6.12 17.77 -10.59
N SER A 428 5.57 18.74 -11.33
CA SER A 428 6.15 20.08 -11.41
C SER A 428 6.04 20.87 -10.12
N ASN A 429 5.10 20.49 -9.26
CA ASN A 429 4.81 21.22 -8.01
C ASN A 429 5.30 20.48 -6.75
N LEU A 430 6.23 19.54 -6.92
CA LEU A 430 6.77 18.79 -5.78
C LEU A 430 7.56 19.71 -4.86
N VAL A 431 7.35 19.55 -3.55
CA VAL A 431 8.03 20.35 -2.54
C VAL A 431 9.30 19.67 -2.03
N TRP A 432 9.41 18.37 -2.27
CA TRP A 432 10.62 17.62 -1.96
C TRP A 432 11.75 18.01 -2.92
N PRO A 433 13.01 17.89 -2.49
CA PRO A 433 14.15 18.25 -3.34
C PRO A 433 14.30 17.35 -4.56
N GLU A 434 15.01 17.85 -5.57
CA GLU A 434 15.21 17.14 -6.84
C GLU A 434 15.86 15.77 -6.73
N TRP A 435 16.77 15.61 -5.78
CA TRP A 435 17.53 14.35 -5.68
C TRP A 435 16.64 13.14 -5.37
N MET A 436 15.48 13.39 -4.77
CA MET A 436 14.57 12.31 -4.42
C MET A 436 13.82 11.75 -5.64
N GLY A 437 13.81 12.52 -6.73
CA GLY A 437 13.31 12.03 -8.01
C GLY A 437 11.81 11.79 -8.04
N VAL A 438 11.41 10.64 -8.59
CA VAL A 438 10.01 10.24 -8.64
C VAL A 438 9.72 9.37 -7.41
N ILE A 439 9.17 10.02 -6.40
CA ILE A 439 9.15 9.52 -5.04
C ILE A 439 8.04 8.50 -4.80
N HIS A 440 8.35 7.53 -3.95
CA HIS A 440 7.37 6.58 -3.41
C HIS A 440 6.08 7.32 -3.03
N GLY A 441 4.97 6.92 -3.65
CA GLY A 441 3.66 7.45 -3.30
C GLY A 441 3.17 8.62 -4.13
N TYR A 442 3.99 9.13 -5.04
CA TYR A 442 3.64 10.32 -5.81
C TYR A 442 3.02 10.04 -7.20
N GLU A 443 2.70 8.78 -7.47
CA GLU A 443 1.78 8.46 -8.58
C GLU A 443 0.32 8.53 -8.12
N ILE A 444 0.10 8.43 -6.81
CA ILE A 444 -1.25 8.32 -6.24
C ILE A 444 -2.10 9.54 -6.64
N GLU A 445 -1.53 10.72 -6.50
CA GLU A 445 -2.23 11.96 -6.84
C GLU A 445 -2.68 12.02 -8.31
N PHE A 446 -1.96 11.33 -9.19
CA PHE A 446 -2.37 11.19 -10.59
C PHE A 446 -3.49 10.16 -10.76
N VAL A 447 -3.39 9.07 -10.00
CA VAL A 447 -4.44 8.04 -9.98
C VAL A 447 -5.76 8.62 -9.47
N PHE A 448 -5.71 9.46 -8.45
CA PHE A 448 -6.92 10.06 -7.86
C PHE A 448 -7.39 11.36 -8.53
N GLY A 449 -6.66 11.83 -9.54
CA GLY A 449 -7.15 12.91 -10.39
C GLY A 449 -6.94 14.33 -9.91
N LEU A 450 -6.05 14.52 -8.93
CA LEU A 450 -5.83 15.85 -8.36
C LEU A 450 -5.33 16.91 -9.37
N PRO A 451 -4.56 16.50 -10.40
CA PRO A 451 -4.17 17.46 -11.43
C PRO A 451 -5.33 18.10 -12.23
N LEU A 452 -6.54 17.57 -12.10
CA LEU A 452 -7.72 18.19 -12.71
C LEU A 452 -8.17 19.45 -11.96
N VAL A 453 -7.73 19.61 -10.71
CA VAL A 453 -8.04 20.80 -9.92
C VAL A 453 -7.01 21.89 -10.24
N LYS A 454 -7.47 22.97 -10.87
CA LYS A 454 -6.59 24.08 -11.28
C LYS A 454 -5.82 24.72 -10.10
N GLU A 455 -6.48 24.83 -8.95
CA GLU A 455 -5.89 25.51 -7.78
C GLU A 455 -4.61 24.84 -7.26
N LEU A 456 -4.39 23.58 -7.61
CA LEU A 456 -3.24 22.84 -7.13
C LEU A 456 -1.95 23.00 -7.97
N ASN A 457 -1.99 23.83 -9.01
CA ASN A 457 -0.77 24.24 -9.74
C ASN A 457 -0.08 23.17 -10.59
N TYR A 458 -0.82 22.18 -11.08
CA TYR A 458 -0.26 21.22 -12.05
C TYR A 458 -0.29 21.83 -13.46
N THR A 459 0.52 21.29 -14.36
CA THR A 459 0.52 21.73 -15.76
C THR A 459 -0.64 21.08 -16.51
N ALA A 460 -0.89 21.56 -17.72
CA ALA A 460 -1.86 20.95 -18.62
C ALA A 460 -1.44 19.53 -19.01
N GLU A 461 -0.14 19.33 -19.23
CA GLU A 461 0.37 18.00 -19.59
C GLU A 461 0.16 17.00 -18.47
N GLU A 462 0.26 17.47 -17.23
CA GLU A 462 0.02 16.64 -16.06
C GLU A 462 -1.45 16.32 -15.87
N GLU A 463 -2.33 17.26 -16.23
CA GLU A 463 -3.76 16.98 -16.23
C GLU A 463 -4.06 15.84 -17.19
N ALA A 464 -3.45 15.90 -18.37
CA ALA A 464 -3.65 14.90 -19.41
C ALA A 464 -3.12 13.53 -18.98
N LEU A 465 -1.98 13.51 -18.28
CA LEU A 465 -1.43 12.27 -17.75
C LEU A 465 -2.36 11.64 -16.71
N SER A 466 -2.93 12.48 -15.84
CA SER A 466 -3.86 12.00 -14.82
C SER A 466 -5.13 11.40 -15.43
N ARG A 467 -5.69 12.07 -16.44
CA ARG A 467 -6.89 11.56 -17.12
C ARG A 467 -6.63 10.21 -17.79
N ARG A 468 -5.47 10.11 -18.42
CA ARG A 468 -5.02 8.89 -19.06
C ARG A 468 -4.86 7.74 -18.04
N ILE A 469 -4.28 8.04 -16.89
CA ILE A 469 -4.09 7.03 -15.85
C ILE A 469 -5.42 6.61 -15.22
N MET A 470 -6.25 7.58 -14.85
CA MET A 470 -7.58 7.29 -14.31
C MET A 470 -8.40 6.40 -15.27
N HIS A 471 -8.30 6.69 -16.56
CA HIS A 471 -9.07 5.96 -17.54
C HIS A 471 -8.51 4.54 -17.76
N TYR A 472 -7.19 4.40 -17.74
CA TYR A 472 -6.56 3.07 -17.75
C TYR A 472 -7.03 2.25 -16.55
N TRP A 473 -6.94 2.84 -15.37
CA TRP A 473 -7.32 2.15 -14.13
C TRP A 473 -8.79 1.73 -14.16
N ALA A 474 -9.67 2.65 -14.52
CA ALA A 474 -11.13 2.41 -14.50
C ALA A 474 -11.56 1.44 -15.60
N THR A 475 -11.02 1.62 -16.80
CA THR A 475 -11.26 0.70 -17.91
C THR A 475 -10.77 -0.72 -17.58
N PHE A 476 -9.61 -0.81 -16.91
CA PHE A 476 -9.13 -2.11 -16.43
C PHE A 476 -10.08 -2.69 -15.39
N ALA A 477 -10.49 -1.86 -14.43
CA ALA A 477 -11.43 -2.31 -13.41
C ALA A 477 -12.71 -2.86 -14.04
N LYS A 478 -13.19 -2.19 -15.08
CA LYS A 478 -14.45 -2.55 -15.71
C LYS A 478 -14.35 -3.81 -16.57
N THR A 479 -13.25 -3.95 -17.31
CA THR A 479 -13.13 -4.98 -18.36
C THR A 479 -12.03 -6.01 -18.17
N GLY A 480 -11.08 -5.74 -17.28
CA GLY A 480 -9.85 -6.54 -17.20
C GLY A 480 -8.78 -6.16 -18.22
N ASN A 481 -8.96 -5.02 -18.89
CA ASN A 481 -8.05 -4.52 -19.92
C ASN A 481 -8.08 -2.99 -19.87
N PRO A 482 -6.91 -2.33 -19.66
CA PRO A 482 -6.89 -0.86 -19.58
C PRO A 482 -7.13 -0.14 -20.91
N ASN A 483 -7.00 -0.88 -22.02
CA ASN A 483 -7.18 -0.31 -23.35
C ASN A 483 -8.65 -0.26 -23.75
N GLU A 484 -9.02 0.83 -24.43
CA GLU A 484 -10.35 0.98 -25.01
C GLU A 484 -10.51 0.05 -26.22
N PRO A 485 -11.65 -0.66 -26.31
CA PRO A 485 -11.97 -1.53 -27.45
C PRO A 485 -11.59 -0.96 -28.81
N HIS A 486 -11.92 0.32 -29.05
CA HIS A 486 -11.56 1.01 -30.29
C HIS A 486 -11.06 2.41 -29.97
N SER A 487 -9.74 2.58 -29.97
CA SER A 487 -9.11 3.85 -29.64
C SER A 487 -8.04 4.23 -30.66
N GLN A 488 -7.72 5.52 -30.71
CA GLN A 488 -6.63 6.03 -31.54
C GLN A 488 -5.27 5.87 -30.84
N GLU A 489 -5.28 5.93 -29.50
CA GLU A 489 -4.07 5.72 -28.70
C GLU A 489 -3.42 4.36 -28.98
N SER A 490 -2.09 4.33 -28.91
CA SER A 490 -1.35 3.06 -29.03
C SER A 490 -1.56 2.26 -27.75
N LYS A 491 -1.53 0.94 -27.89
CA LYS A 491 -1.93 0.04 -26.83
C LYS A 491 -0.90 -0.10 -25.71
N TRP A 492 -1.41 -0.23 -24.49
CA TRP A 492 -0.66 -0.78 -23.38
C TRP A 492 -0.65 -2.29 -23.59
N PRO A 493 0.51 -2.85 -23.96
CA PRO A 493 0.49 -4.28 -24.28
C PRO A 493 0.42 -5.16 -23.04
N LEU A 494 -0.16 -6.33 -23.22
CA LEU A 494 -0.18 -7.38 -22.21
C LEU A 494 1.26 -7.77 -21.81
N PHE A 495 1.49 -7.98 -20.52
CA PHE A 495 2.76 -8.52 -20.03
C PHE A 495 2.72 -10.04 -20.12
N THR A 496 3.70 -10.62 -20.81
CA THR A 496 3.77 -12.07 -20.97
C THR A 496 5.10 -12.61 -20.47
N THR A 497 5.12 -13.90 -20.16
CA THR A 497 6.33 -14.59 -19.73
C THR A 497 7.44 -14.43 -20.76
N LYS A 498 7.08 -14.60 -22.04
CA LYS A 498 8.07 -14.58 -23.11
C LYS A 498 8.67 -13.19 -23.30
N GLU A 499 7.81 -12.19 -23.49
CA GLU A 499 8.27 -10.89 -23.97
C GLU A 499 8.39 -9.81 -22.88
N GLN A 500 7.68 -9.99 -21.77
CA GLN A 500 7.88 -9.17 -20.57
C GLN A 500 7.72 -7.65 -20.80
N LYS A 501 6.77 -7.29 -21.66
CA LYS A 501 6.56 -5.89 -22.04
C LYS A 501 5.88 -5.08 -20.94
N PHE A 502 6.26 -3.79 -20.87
CA PHE A 502 5.59 -2.82 -20.01
C PHE A 502 5.64 -1.45 -20.67
N ILE A 503 4.89 -0.50 -20.12
CA ILE A 503 4.91 0.88 -20.59
C ILE A 503 5.44 1.82 -19.52
N ASP A 504 5.86 3.00 -19.95
CA ASP A 504 6.13 4.07 -19.00
C ASP A 504 4.90 4.97 -18.91
N LEU A 505 4.76 5.66 -17.78
CA LEU A 505 3.68 6.61 -17.56
C LEU A 505 4.29 7.97 -17.26
N ASN A 506 4.17 8.87 -18.23
CA ASN A 506 4.72 10.22 -18.10
C ASN A 506 4.06 11.17 -19.10
N THR A 507 4.47 12.43 -19.09
CA THR A 507 3.91 13.44 -19.98
C THR A 507 4.37 13.30 -21.44
N GLU A 508 5.44 12.54 -21.68
CA GLU A 508 5.94 12.32 -23.04
C GLU A 508 5.09 11.24 -23.71
N PRO A 509 5.19 11.11 -25.05
CA PRO A 509 4.45 10.03 -25.71
C PRO A 509 4.86 8.66 -25.19
N MET A 510 3.89 7.76 -25.07
CA MET A 510 4.09 6.47 -24.41
C MET A 510 5.02 5.55 -25.21
N LYS A 511 5.94 4.89 -24.50
CA LYS A 511 6.84 3.91 -25.10
C LYS A 511 6.70 2.57 -24.42
N VAL A 512 6.83 1.50 -25.20
CA VAL A 512 6.86 0.14 -24.68
C VAL A 512 8.32 -0.26 -24.48
N HIS A 513 8.58 -0.89 -23.33
CA HIS A 513 9.91 -1.41 -23.01
C HIS A 513 9.77 -2.88 -22.63
N GLN A 514 10.89 -3.54 -22.34
CA GLN A 514 10.87 -4.94 -21.92
C GLN A 514 11.83 -5.21 -20.77
N ARG A 515 11.45 -6.18 -19.94
CA ARG A 515 12.32 -6.73 -18.89
C ARG A 515 12.77 -5.65 -17.91
N LEU A 516 11.82 -5.17 -17.13
CA LEU A 516 12.02 -4.05 -16.22
C LEU A 516 13.12 -4.34 -15.20
N ARG A 517 14.25 -3.63 -15.32
CA ARG A 517 15.39 -3.74 -14.42
C ARG A 517 15.79 -5.19 -14.13
N VAL A 518 15.88 -5.98 -15.20
CA VAL A 518 16.13 -7.41 -15.11
C VAL A 518 17.52 -7.74 -14.56
N GLN A 519 18.53 -6.97 -14.94
CA GLN A 519 19.90 -7.22 -14.50
C GLN A 519 19.97 -7.18 -12.97
N MET A 520 19.42 -6.11 -12.42
CA MET A 520 19.42 -5.86 -10.99
CA MET A 520 19.47 -5.91 -10.97
C MET A 520 18.55 -6.89 -10.24
N CYS A 521 17.40 -7.20 -10.83
CA CYS A 521 16.47 -8.12 -10.19
C CYS A 521 16.88 -9.60 -10.24
N VAL A 522 17.71 -9.98 -11.20
CA VAL A 522 18.33 -11.31 -11.16
C VAL A 522 19.26 -11.38 -9.94
N PHE A 523 19.97 -10.28 -9.68
CA PHE A 523 20.83 -10.20 -8.51
C PHE A 523 20.03 -10.33 -7.22
N TRP A 524 18.98 -9.53 -7.08
CA TRP A 524 18.17 -9.54 -5.87
C TRP A 524 17.32 -10.80 -5.67
N ASN A 525 16.78 -11.36 -6.75
CA ASN A 525 15.81 -12.46 -6.64
C ASN A 525 16.42 -13.86 -6.75
N GLN A 526 17.59 -13.98 -7.38
CA GLN A 526 18.22 -15.29 -7.58
C GLN A 526 19.60 -15.42 -6.97
N PHE A 527 20.49 -14.46 -7.25
CA PHE A 527 21.86 -14.60 -6.77
C PHE A 527 21.99 -14.35 -5.27
N LEU A 528 21.53 -13.19 -4.80
CA LEU A 528 21.78 -12.80 -3.43
C LEU A 528 21.19 -13.80 -2.41
N PRO A 529 19.91 -14.19 -2.57
CA PRO A 529 19.36 -15.21 -1.68
C PRO A 529 20.19 -16.48 -1.65
N LYS A 530 20.60 -16.97 -2.82
CA LYS A 530 21.45 -18.16 -2.91
C LYS A 530 22.78 -17.98 -2.18
N LEU A 531 23.32 -16.77 -2.25
CA LEU A 531 24.57 -16.42 -1.56
C LEU A 531 24.40 -16.45 -0.03
N LEU A 532 23.34 -15.82 0.47
CA LEU A 532 23.08 -15.77 1.91
C LEU A 532 22.72 -17.14 2.49
N ASN A 533 22.05 -17.97 1.71
CA ASN A 533 21.73 -19.34 2.10
C ASN A 533 22.97 -20.24 2.22
N ALA A 534 24.02 -19.95 1.45
CA ALA A 534 25.19 -20.81 1.39
C ALA A 534 26.22 -20.51 2.49
N THR A 535 26.33 -19.25 2.89
CA THR A 535 27.32 -18.83 3.89
C THR A 535 26.72 -18.73 5.30
#